data_9HWU
#
_entry.id   9HWU
#
_cell.length_a   102.997
_cell.length_b   102.997
_cell.length_c   54.641
_cell.angle_alpha   90.000
_cell.angle_beta   90.000
_cell.angle_gamma   120.000
#
_symmetry.space_group_name_H-M   'P 61'
#
loop_
_entity.id
_entity.type
_entity.pdbx_description
1 polymer 'Kelch-like ECH-associated protein 1'
2 non-polymer '(3~{S})-3-(1,3-benzodioxol-5-yl)-3-[7-[2-(cyclohexylamino)-2-oxidanylidene-ethoxy]naphthalen-2-yl]propanoic acid'
3 non-polymer 'SULFATE ION'
4 non-polymer 'CHLORIDE ION'
5 non-polymer 'DIMETHYL SULFOXIDE'
6 water water
#
_entity_poly.entity_id   1
_entity_poly.type   'polypeptide(L)'
_entity_poly.pdbx_seq_one_letter_code
;GPKVGRLIYTAGGYFRQSLSYLEAYNPSNGSWLRLADLQVPRSGLAGCVVGGLLYAVGGRNNSPDGNTDSSALDCYNPMT
NQWSPCASMSVPRNRIGVGVIDGHIYAVGGSHGCIHHSSVERYEPERDEWHLVAPMLTRRIGVGVAVLNRLLYAVGGFDG
TNRLNSAECYYPERNEWRMITPMNTIRSGAGVCVLHNCIYAAGGYDGQDQLNSVERYDVETETWTFVAPMRHHRSALGIT
VHQGKIYVLGGYDGHTFLDSVECYDPDSDTWSEVTRMTSGRSGVGVAVTMEPCRKQIDQQNCTC
;
_entity_poly.pdbx_strand_id   A
#
loop_
_chem_comp.id
_chem_comp.type
_chem_comp.name
_chem_comp.formula
A1IXY non-polymer '(3~{S})-3-(1,3-benzodioxol-5-yl)-3-[7-[2-(cyclohexylamino)-2-oxidanylidene-ethoxy]naphthalen-2-yl]propanoic acid' 'C28 H29 N O6'
CL non-polymer 'CHLORIDE ION' 'Cl -1'
DMS non-polymer 'DIMETHYL SULFOXIDE' 'C2 H6 O S'
SO4 non-polymer 'SULFATE ION' 'O4 S -2'
#
# COMPACT_ATOMS: atom_id res chain seq x y z
N LYS A 3 -16.46 15.40 -4.38
CA LYS A 3 -16.08 14.65 -3.19
C LYS A 3 -16.99 13.46 -2.86
N VAL A 4 -18.27 13.53 -3.24
CA VAL A 4 -19.21 12.46 -2.87
C VAL A 4 -19.00 11.26 -3.77
N GLY A 5 -19.43 10.09 -3.27
CA GLY A 5 -19.52 8.90 -4.08
C GLY A 5 -18.25 8.11 -4.20
N ARG A 6 -17.30 8.28 -3.29
CA ARG A 6 -16.02 7.59 -3.36
C ARG A 6 -16.03 6.42 -2.37
N LEU A 7 -15.41 5.33 -2.79
CA LEU A 7 -15.33 4.10 -2.01
C LEU A 7 -13.88 3.78 -1.72
N ILE A 8 -13.66 3.03 -0.66
CA ILE A 8 -12.37 2.43 -0.34
C ILE A 8 -12.32 1.04 -0.96
N TYR A 9 -11.46 0.87 -1.97
CA TYR A 9 -11.33 -0.41 -2.65
C TYR A 9 -10.19 -1.21 -2.04
N THR A 10 -10.43 -2.49 -1.83
CA THR A 10 -9.39 -3.41 -1.36
C THR A 10 -9.25 -4.52 -2.38
N ALA A 11 -8.03 -4.72 -2.88
CA ALA A 11 -7.74 -5.67 -3.95
C ALA A 11 -6.77 -6.70 -3.45
N GLY A 12 -7.06 -7.97 -3.78
CA GLY A 12 -6.12 -9.03 -3.48
C GLY A 12 -6.03 -9.33 -1.99
N GLY A 13 -4.89 -9.84 -1.60
CA GLY A 13 -4.60 -10.17 -0.23
C GLY A 13 -4.23 -11.62 -0.07
N TYR A 14 -4.13 -12.02 1.19
CA TYR A 14 -3.64 -13.32 1.58
C TYR A 14 -4.43 -13.87 2.76
N PHE A 15 -4.92 -15.09 2.61
CA PHE A 15 -5.39 -15.89 3.73
C PHE A 15 -5.24 -17.32 3.25
N ARG A 16 -4.22 -18.02 3.74
CA ARG A 16 -3.92 -19.39 3.34
C ARG A 16 -3.25 -19.41 1.96
N GLN A 17 -3.77 -18.62 1.03
CA GLN A 17 -3.15 -18.42 -0.27
C GLN A 17 -3.48 -17.00 -0.72
N SER A 18 -2.90 -16.57 -1.83
CA SER A 18 -3.22 -15.25 -2.36
C SER A 18 -4.63 -15.24 -2.91
N LEU A 19 -5.25 -14.06 -2.88
CA LEU A 19 -6.68 -13.92 -3.13
C LEU A 19 -6.91 -13.02 -4.34
N SER A 20 -8.05 -13.21 -5.00
CA SER A 20 -8.39 -12.39 -6.15
CA SER A 20 -8.41 -12.41 -6.16
C SER A 20 -9.49 -11.37 -5.85
N TYR A 21 -9.86 -11.20 -4.59
CA TYR A 21 -11.01 -10.36 -4.28
C TYR A 21 -10.77 -8.91 -4.63
N LEU A 22 -11.80 -8.26 -5.18
CA LEU A 22 -11.90 -6.81 -5.21
C LEU A 22 -13.21 -6.45 -4.53
N GLU A 23 -13.12 -5.73 -3.41
CA GLU A 23 -14.28 -5.37 -2.61
C GLU A 23 -14.14 -3.90 -2.26
N ALA A 24 -15.27 -3.20 -2.16
CA ALA A 24 -15.24 -1.75 -1.99
C ALA A 24 -16.19 -1.36 -0.88
N TYR A 25 -15.70 -0.58 0.05
CA TYR A 25 -16.43 -0.14 1.23
C TYR A 25 -16.88 1.31 1.08
N ASN A 26 -18.11 1.56 1.47
CA ASN A 26 -18.68 2.90 1.41
C ASN A 26 -18.77 3.49 2.81
N PRO A 27 -17.86 4.39 3.18
CA PRO A 27 -17.91 4.96 4.54
C PRO A 27 -19.20 5.68 4.84
N SER A 28 -19.94 6.13 3.82
N SER A 28 -19.94 6.14 3.82
CA SER A 28 -21.13 6.92 4.08
CA SER A 28 -21.14 6.92 4.11
C SER A 28 -22.32 6.07 4.50
C SER A 28 -22.29 6.06 4.58
N ASN A 29 -22.32 4.77 4.18
CA ASN A 29 -23.42 3.91 4.59
C ASN A 29 -23.03 2.56 5.17
N GLY A 30 -21.74 2.27 5.32
CA GLY A 30 -21.28 1.03 5.92
C GLY A 30 -21.32 -0.17 5.00
N SER A 31 -21.71 -0.01 3.75
CA SER A 31 -21.90 -1.15 2.86
C SER A 31 -20.60 -1.60 2.21
N TRP A 32 -20.57 -2.88 1.87
CA TRP A 32 -19.50 -3.46 1.08
C TRP A 32 -20.09 -4.03 -0.20
N LEU A 33 -19.33 -3.90 -1.28
CA LEU A 33 -19.68 -4.50 -2.56
C LEU A 33 -18.55 -5.41 -3.02
N ARG A 34 -18.91 -6.59 -3.51
N ARG A 34 -18.92 -6.58 -3.55
CA ARG A 34 -17.93 -7.47 -4.16
CA ARG A 34 -17.97 -7.49 -4.17
C ARG A 34 -17.96 -7.17 -5.65
C ARG A 34 -17.97 -7.20 -5.66
N LEU A 35 -16.80 -6.83 -6.20
CA LEU A 35 -16.65 -6.39 -7.58
C LEU A 35 -15.84 -7.43 -8.34
N ALA A 36 -15.47 -7.12 -9.57
CA ALA A 36 -14.83 -8.12 -10.41
C ALA A 36 -13.52 -8.59 -9.80
N ASP A 37 -13.35 -9.91 -9.71
CA ASP A 37 -12.08 -10.45 -9.26
C ASP A 37 -10.92 -10.01 -10.14
N LEU A 38 -9.74 -9.86 -9.52
CA LEU A 38 -8.49 -9.78 -10.26
C LEU A 38 -8.35 -10.98 -11.19
N GLN A 39 -7.69 -10.76 -12.32
CA GLN A 39 -7.45 -11.84 -13.27
C GLN A 39 -6.53 -12.91 -12.68
N VAL A 40 -5.58 -12.51 -11.84
CA VAL A 40 -4.64 -13.40 -11.17
C VAL A 40 -4.70 -13.10 -9.67
N PRO A 41 -4.88 -14.10 -8.79
CA PRO A 41 -4.82 -13.80 -7.35
C PRO A 41 -3.45 -13.25 -6.97
N ARG A 42 -3.46 -12.21 -6.16
CA ARG A 42 -2.20 -11.60 -5.76
C ARG A 42 -2.28 -11.10 -4.32
N SER A 43 -1.18 -11.30 -3.58
CA SER A 43 -0.93 -10.65 -2.31
C SER A 43 0.37 -9.86 -2.44
N GLY A 44 0.63 -8.98 -1.48
CA GLY A 44 1.87 -8.23 -1.54
C GLY A 44 1.90 -7.19 -2.64
N LEU A 45 0.75 -6.85 -3.20
CA LEU A 45 0.58 -5.83 -4.23
C LEU A 45 0.29 -4.48 -3.58
N ALA A 46 0.30 -3.43 -4.39
CA ALA A 46 -0.13 -2.12 -3.94
C ALA A 46 -1.21 -1.63 -4.89
N GLY A 47 -2.10 -0.79 -4.36
CA GLY A 47 -3.12 -0.16 -5.17
C GLY A 47 -2.87 1.34 -5.26
N CYS A 48 -3.37 1.94 -6.32
CA CYS A 48 -3.34 3.39 -6.47
C CYS A 48 -4.37 3.77 -7.52
N VAL A 49 -4.64 5.07 -7.62
CA VAL A 49 -5.66 5.54 -8.55
C VAL A 49 -5.09 6.72 -9.34
N VAL A 50 -5.27 6.69 -10.65
CA VAL A 50 -4.93 7.80 -11.53
C VAL A 50 -6.06 7.96 -12.51
N GLY A 51 -6.57 9.18 -12.65
CA GLY A 51 -7.63 9.43 -13.62
C GLY A 51 -8.86 8.61 -13.38
N GLY A 52 -9.18 8.33 -12.12
CA GLY A 52 -10.37 7.59 -11.77
C GLY A 52 -10.25 6.09 -11.95
N LEU A 53 -9.14 5.60 -12.48
CA LEU A 53 -8.93 4.18 -12.66
C LEU A 53 -8.10 3.64 -11.52
N LEU A 54 -8.42 2.43 -11.09
CA LEU A 54 -7.74 1.78 -10.00
C LEU A 54 -6.68 0.86 -10.59
N TYR A 55 -5.47 0.96 -10.09
CA TYR A 55 -4.37 0.13 -10.58
C TYR A 55 -3.90 -0.81 -9.50
N ALA A 56 -3.65 -2.06 -9.88
CA ALA A 56 -3.10 -3.08 -9.00
C ALA A 56 -1.70 -3.38 -9.51
N VAL A 57 -0.69 -3.26 -8.64
CA VAL A 57 0.71 -3.20 -9.04
C VAL A 57 1.47 -4.29 -8.30
N GLY A 58 2.12 -5.18 -9.05
CA GLY A 58 3.02 -6.12 -8.43
C GLY A 58 2.33 -7.16 -7.57
N GLY A 59 3.09 -7.69 -6.63
CA GLY A 59 2.62 -8.73 -5.74
C GLY A 59 3.21 -10.09 -6.04
N ARG A 60 2.51 -11.13 -5.57
CA ARG A 60 2.87 -12.52 -5.77
C ARG A 60 1.60 -13.35 -5.73
N ASN A 61 1.56 -14.39 -6.55
CA ASN A 61 0.49 -15.36 -6.46
C ASN A 61 1.06 -16.56 -5.71
N ASN A 62 0.73 -16.66 -4.43
N ASN A 62 0.73 -16.66 -4.42
CA ASN A 62 0.96 -17.84 -3.63
CA ASN A 62 0.99 -17.84 -3.61
C ASN A 62 -0.22 -18.78 -3.85
C ASN A 62 -0.19 -18.79 -3.77
N SER A 63 0.06 -19.99 -4.27
CA SER A 63 -1.00 -20.98 -4.43
C SER A 63 -0.46 -22.31 -3.92
N PRO A 64 -1.32 -23.32 -3.80
CA PRO A 64 -0.81 -24.66 -3.47
C PRO A 64 0.26 -25.13 -4.42
N ASP A 65 0.22 -24.67 -5.67
CA ASP A 65 1.13 -25.12 -6.72
C ASP A 65 2.34 -24.21 -6.90
N GLY A 66 2.56 -23.25 -6.01
CA GLY A 66 3.80 -22.51 -6.02
C GLY A 66 3.60 -21.03 -5.81
N ASN A 67 4.71 -20.29 -5.97
N ASN A 67 4.68 -20.28 -6.02
CA ASN A 67 4.74 -18.84 -5.78
CA ASN A 67 4.70 -18.85 -5.80
C ASN A 67 5.28 -18.20 -7.05
C ASN A 67 5.29 -18.17 -7.02
N THR A 68 4.53 -17.27 -7.61
CA THR A 68 4.97 -16.50 -8.76
C THR A 68 4.94 -15.02 -8.43
N ASP A 69 6.12 -14.39 -8.35
CA ASP A 69 6.17 -12.94 -8.15
C ASP A 69 5.67 -12.23 -9.40
N SER A 70 5.02 -11.09 -9.20
CA SER A 70 4.30 -10.42 -10.28
C SER A 70 5.01 -9.14 -10.71
N SER A 71 5.19 -8.99 -12.01
CA SER A 71 5.54 -7.72 -12.63
C SER A 71 4.32 -7.01 -13.20
N ALA A 72 3.13 -7.46 -12.86
CA ALA A 72 1.94 -6.98 -13.54
C ALA A 72 1.48 -5.62 -13.07
N LEU A 73 0.89 -4.89 -14.02
CA LEU A 73 0.10 -3.69 -13.76
C LEU A 73 -1.23 -3.92 -14.43
N ASP A 74 -2.30 -3.92 -13.64
CA ASP A 74 -3.65 -4.09 -14.17
C ASP A 74 -4.50 -2.93 -13.73
N CYS A 75 -5.47 -2.58 -14.57
N CYS A 75 -5.40 -2.48 -14.60
CA CYS A 75 -6.29 -1.38 -14.40
CA CYS A 75 -6.25 -1.36 -14.25
C CYS A 75 -7.75 -1.78 -14.29
C CYS A 75 -7.71 -1.78 -14.25
N TYR A 76 -8.42 -1.32 -13.24
CA TYR A 76 -9.85 -1.57 -13.05
C TYR A 76 -10.61 -0.28 -13.31
N ASN A 77 -11.61 -0.35 -14.19
CA ASN A 77 -12.46 0.78 -14.49
C ASN A 77 -13.77 0.62 -13.75
N PRO A 78 -14.08 1.46 -12.77
CA PRO A 78 -15.38 1.34 -12.08
C PRO A 78 -16.58 1.52 -12.99
N MET A 79 -16.42 2.21 -14.12
N MET A 79 -16.43 2.22 -14.12
CA MET A 79 -17.56 2.44 -14.99
CA MET A 79 -17.57 2.43 -14.99
C MET A 79 -17.96 1.17 -15.73
C MET A 79 -17.97 1.16 -15.73
N THR A 80 -17.05 0.20 -15.88
CA THR A 80 -17.34 -1.05 -16.57
C THR A 80 -17.25 -2.28 -15.68
N ASN A 81 -16.72 -2.14 -14.46
CA ASN A 81 -16.48 -3.28 -13.58
C ASN A 81 -15.63 -4.34 -14.26
N GLN A 82 -14.61 -3.88 -14.98
CA GLN A 82 -13.70 -4.77 -15.70
C GLN A 82 -12.25 -4.40 -15.43
N TRP A 83 -11.41 -5.42 -15.33
CA TRP A 83 -9.97 -5.25 -15.29
C TRP A 83 -9.39 -5.41 -16.69
N SER A 84 -8.34 -4.62 -16.97
CA SER A 84 -7.60 -4.70 -18.22
C SER A 84 -6.11 -4.71 -17.91
N PRO A 85 -5.33 -5.52 -18.60
N PRO A 85 -5.33 -5.56 -18.57
CA PRO A 85 -3.88 -5.49 -18.41
CA PRO A 85 -3.88 -5.50 -18.39
C PRO A 85 -3.27 -4.23 -18.97
C PRO A 85 -3.28 -4.23 -18.97
N CYS A 86 -2.24 -3.76 -18.29
CA CYS A 86 -1.40 -2.67 -18.76
C CYS A 86 0.01 -3.19 -18.95
N ALA A 87 0.91 -2.32 -19.44
CA ALA A 87 2.30 -2.70 -19.59
C ALA A 87 2.86 -3.20 -18.26
N SER A 88 3.68 -4.24 -18.34
CA SER A 88 4.29 -4.80 -17.15
C SER A 88 5.58 -4.06 -16.79
N MET A 89 5.90 -4.13 -15.51
CA MET A 89 7.13 -3.57 -14.96
C MET A 89 8.35 -4.34 -15.46
N SER A 90 9.52 -3.72 -15.28
CA SER A 90 10.76 -4.34 -15.73
C SER A 90 11.08 -5.64 -15.00
N VAL A 91 10.55 -5.82 -13.80
CA VAL A 91 10.98 -6.88 -12.89
C VAL A 91 9.80 -7.23 -12.01
N PRO A 92 9.68 -8.49 -11.57
CA PRO A 92 8.66 -8.79 -10.56
C PRO A 92 8.98 -8.09 -9.25
N ARG A 93 7.91 -7.66 -8.54
CA ARG A 93 8.05 -6.96 -7.28
C ARG A 93 6.93 -7.36 -6.33
N ASN A 94 7.25 -8.26 -5.40
CA ASN A 94 6.37 -8.66 -4.32
C ASN A 94 6.66 -7.79 -3.11
N ARG A 95 5.62 -7.53 -2.33
N ARG A 95 5.63 -7.54 -2.31
CA ARG A 95 5.74 -6.70 -1.12
CA ARG A 95 5.76 -6.72 -1.11
C ARG A 95 6.27 -5.33 -1.53
C ARG A 95 6.28 -5.34 -1.52
N ILE A 96 5.59 -4.76 -2.51
CA ILE A 96 5.96 -3.53 -3.18
C ILE A 96 5.34 -2.35 -2.45
N GLY A 97 5.91 -1.18 -2.70
CA GLY A 97 5.29 0.08 -2.35
C GLY A 97 5.08 0.90 -3.60
N VAL A 98 4.01 1.68 -3.62
CA VAL A 98 3.63 2.52 -4.75
C VAL A 98 3.24 3.91 -4.27
N GLY A 99 3.57 4.89 -5.10
CA GLY A 99 3.10 6.24 -4.92
C GLY A 99 2.86 6.88 -6.26
N VAL A 100 1.99 7.90 -6.28
CA VAL A 100 1.65 8.63 -7.50
C VAL A 100 2.12 10.06 -7.36
N ILE A 101 2.86 10.54 -8.36
CA ILE A 101 3.23 11.94 -8.48
C ILE A 101 2.74 12.44 -9.81
N ASP A 102 1.87 13.45 -9.80
CA ASP A 102 1.42 14.09 -11.02
C ASP A 102 1.02 13.10 -12.10
N GLY A 103 0.19 12.14 -11.70
CA GLY A 103 -0.37 11.23 -12.68
C GLY A 103 0.54 10.11 -13.12
N HIS A 104 1.68 9.92 -12.46
CA HIS A 104 2.65 8.89 -12.80
C HIS A 104 2.81 7.96 -11.62
N ILE A 105 2.82 6.67 -11.89
CA ILE A 105 2.89 5.66 -10.83
C ILE A 105 4.34 5.26 -10.61
N TYR A 106 4.80 5.34 -9.39
CA TYR A 106 6.13 4.89 -9.01
C TYR A 106 6.03 3.57 -8.26
N ALA A 107 6.71 2.57 -8.77
CA ALA A 107 6.82 1.26 -8.15
C ALA A 107 8.18 1.16 -7.49
N VAL A 108 8.19 0.85 -6.19
CA VAL A 108 9.35 1.00 -5.34
C VAL A 108 9.68 -0.32 -4.70
N GLY A 109 10.91 -0.81 -4.92
CA GLY A 109 11.42 -1.90 -4.10
C GLY A 109 10.70 -3.21 -4.35
N GLY A 110 10.55 -4.00 -3.28
CA GLY A 110 9.93 -5.29 -3.38
C GLY A 110 10.93 -6.38 -3.63
N SER A 111 10.44 -7.61 -3.58
CA SER A 111 11.27 -8.80 -3.73
C SER A 111 10.94 -9.58 -4.99
N HIS A 112 11.93 -10.36 -5.43
CA HIS A 112 11.77 -11.32 -6.51
C HIS A 112 12.61 -12.50 -6.05
N GLY A 113 11.92 -13.54 -5.58
CA GLY A 113 12.64 -14.62 -4.93
C GLY A 113 13.46 -14.04 -3.81
N CYS A 114 14.72 -14.44 -3.73
CA CYS A 114 15.61 -13.94 -2.70
C CYS A 114 16.23 -12.59 -3.00
N ILE A 115 15.91 -11.98 -4.13
CA ILE A 115 16.42 -10.66 -4.49
C ILE A 115 15.59 -9.60 -3.78
N HIS A 116 16.26 -8.65 -3.14
CA HIS A 116 15.62 -7.53 -2.48
C HIS A 116 15.95 -6.28 -3.28
N HIS A 117 14.94 -5.69 -3.89
CA HIS A 117 15.20 -4.61 -4.83
C HIS A 117 15.46 -3.28 -4.14
N SER A 118 16.44 -2.54 -4.66
CA SER A 118 16.49 -1.09 -4.47
C SER A 118 15.92 -0.33 -5.68
N SER A 119 15.68 -1.01 -6.80
CA SER A 119 15.25 -0.33 -7.99
C SER A 119 13.84 0.25 -7.87
N VAL A 120 13.61 1.28 -8.68
CA VAL A 120 12.37 2.04 -8.75
C VAL A 120 12.08 2.32 -10.21
N GLU A 121 10.81 2.25 -10.58
CA GLU A 121 10.39 2.56 -11.95
C GLU A 121 9.09 3.34 -11.95
N ARG A 122 8.85 4.06 -13.03
CA ARG A 122 7.80 5.06 -13.17
C ARG A 122 6.95 4.75 -14.40
N TYR A 123 5.64 4.69 -14.20
CA TYR A 123 4.68 4.41 -15.24
C TYR A 123 3.99 5.68 -15.72
N GLU A 124 3.86 5.81 -17.03
CA GLU A 124 3.20 6.91 -17.72
C GLU A 124 1.90 6.37 -18.31
N PRO A 125 0.75 6.62 -17.68
CA PRO A 125 -0.50 6.02 -18.21
C PRO A 125 -0.84 6.43 -19.63
N GLU A 126 -0.54 7.69 -19.98
CA GLU A 126 -0.80 8.18 -21.31
C GLU A 126 -0.11 7.32 -22.36
N ARG A 127 1.15 6.99 -22.12
CA ARG A 127 1.96 6.23 -23.07
C ARG A 127 1.95 4.74 -22.80
N ASP A 128 1.36 4.29 -21.69
CA ASP A 128 1.39 2.89 -21.27
C ASP A 128 2.81 2.35 -21.31
N GLU A 129 3.73 3.06 -20.64
CA GLU A 129 5.13 2.68 -20.60
C GLU A 129 5.69 2.84 -19.20
N TRP A 130 6.57 1.92 -18.81
CA TRP A 130 7.38 2.04 -17.61
C TRP A 130 8.82 2.38 -17.99
N HIS A 131 9.48 3.16 -17.14
CA HIS A 131 10.91 3.39 -17.25
C HIS A 131 11.54 3.43 -15.87
N LEU A 132 12.74 2.91 -15.75
CA LEU A 132 13.45 2.94 -14.49
C LEU A 132 13.90 4.36 -14.17
N VAL A 133 13.90 4.67 -12.88
CA VAL A 133 14.43 5.93 -12.36
C VAL A 133 15.55 5.57 -11.38
N ALA A 134 16.08 6.54 -10.66
CA ALA A 134 17.20 6.25 -9.76
C ALA A 134 16.76 5.26 -8.69
N PRO A 135 17.61 4.30 -8.36
CA PRO A 135 17.27 3.35 -7.30
C PRO A 135 17.41 4.01 -5.93
N MET A 136 16.71 3.43 -4.97
CA MET A 136 16.87 3.83 -3.59
C MET A 136 18.30 3.61 -3.08
N LEU A 137 18.61 4.26 -1.96
CA LEU A 137 19.88 4.06 -1.29
C LEU A 137 19.95 2.76 -0.53
N THR A 138 18.80 2.10 -0.35
CA THR A 138 18.67 0.90 0.46
C THR A 138 17.77 -0.06 -0.30
N ARG A 139 18.11 -1.35 -0.27
CA ARG A 139 17.19 -2.37 -0.74
C ARG A 139 16.06 -2.49 0.28
N ARG A 140 14.81 -2.47 -0.19
CA ARG A 140 13.68 -2.52 0.73
C ARG A 140 12.55 -3.36 0.16
N ILE A 141 12.16 -4.40 0.88
CA ILE A 141 10.91 -5.10 0.58
C ILE A 141 9.98 -4.84 1.76
N GLY A 142 8.67 -4.90 1.52
CA GLY A 142 7.73 -4.59 2.59
C GLY A 142 7.84 -3.14 2.97
N VAL A 143 8.15 -2.30 1.99
CA VAL A 143 8.38 -0.87 2.17
C VAL A 143 7.05 -0.14 2.05
N GLY A 144 6.87 0.88 2.88
CA GLY A 144 5.71 1.73 2.80
C GLY A 144 6.08 2.97 2.00
N VAL A 145 5.17 3.41 1.15
CA VAL A 145 5.43 4.52 0.25
C VAL A 145 4.29 5.51 0.34
N ALA A 146 4.61 6.79 0.33
CA ALA A 146 3.58 7.80 0.26
C ALA A 146 4.17 9.04 -0.39
N VAL A 147 3.30 9.86 -0.95
CA VAL A 147 3.68 11.08 -1.67
C VAL A 147 3.07 12.27 -0.94
N LEU A 148 3.91 13.27 -0.65
CA LEU A 148 3.42 14.52 -0.07
C LEU A 148 4.15 15.63 -0.80
N ASN A 149 3.39 16.58 -1.32
CA ASN A 149 4.00 17.77 -1.93
C ASN A 149 4.92 17.39 -3.07
N ARG A 150 4.49 16.41 -3.87
N ARG A 150 4.51 16.39 -3.84
CA ARG A 150 5.23 15.92 -5.03
CA ARG A 150 5.23 15.94 -5.04
C ARG A 150 6.65 15.49 -4.69
C ARG A 150 6.63 15.42 -4.71
N LEU A 151 6.82 14.93 -3.49
CA LEU A 151 8.01 14.22 -3.08
C LEU A 151 7.57 12.82 -2.64
N LEU A 152 8.37 11.82 -2.95
CA LEU A 152 8.01 10.43 -2.69
C LEU A 152 8.86 9.87 -1.56
N TYR A 153 8.22 9.24 -0.59
CA TYR A 153 8.89 8.74 0.59
C TYR A 153 8.81 7.22 0.59
N ALA A 154 9.93 6.59 0.91
CA ALA A 154 10.04 5.14 1.10
C ALA A 154 10.45 4.89 2.55
N VAL A 155 9.64 4.13 3.26
CA VAL A 155 9.71 4.07 4.72
C VAL A 155 9.84 2.63 5.18
N GLY A 156 10.88 2.32 5.94
CA GLY A 156 10.94 0.99 6.57
C GLY A 156 11.19 -0.11 5.56
N GLY A 157 10.77 -1.31 5.94
CA GLY A 157 10.93 -2.50 5.15
C GLY A 157 12.00 -3.42 5.69
N PHE A 158 12.47 -4.29 4.80
CA PHE A 158 13.42 -5.35 5.09
C PHE A 158 14.42 -5.40 3.94
N ASP A 159 15.71 -5.37 4.26
CA ASP A 159 16.74 -5.28 3.22
C ASP A 159 17.35 -6.62 2.87
N GLY A 160 16.82 -7.71 3.43
CA GLY A 160 17.37 -9.04 3.25
C GLY A 160 18.04 -9.57 4.51
N THR A 161 18.57 -8.68 5.34
CA THR A 161 19.24 -9.02 6.58
C THR A 161 18.54 -8.41 7.79
N ASN A 162 18.22 -7.12 7.73
CA ASN A 162 17.63 -6.41 8.86
C ASN A 162 16.32 -5.76 8.45
N ARG A 163 15.35 -5.78 9.35
CA ARG A 163 14.22 -4.87 9.24
C ARG A 163 14.68 -3.46 9.60
N LEU A 164 14.01 -2.48 9.01
CA LEU A 164 14.54 -1.14 8.93
C LEU A 164 13.67 -0.14 9.66
N ASN A 165 14.34 0.79 10.36
CA ASN A 165 13.70 2.03 10.79
C ASN A 165 14.01 3.19 9.85
N SER A 166 14.90 2.97 8.87
CA SER A 166 15.31 4.07 8.02
C SER A 166 14.23 4.44 7.02
N ALA A 167 14.39 5.62 6.43
CA ALA A 167 13.46 6.13 5.43
C ALA A 167 14.22 7.10 4.54
N GLU A 168 13.70 7.30 3.32
CA GLU A 168 14.37 8.14 2.35
C GLU A 168 13.32 8.78 1.45
N CYS A 169 13.72 9.84 0.80
CA CYS A 169 12.85 10.68 -0.01
C CYS A 169 13.45 10.82 -1.40
N TYR A 170 12.57 10.76 -2.41
CA TYR A 170 12.93 10.91 -3.80
C TYR A 170 12.48 12.28 -4.28
N TYR A 171 13.42 13.02 -4.87
CA TYR A 171 13.23 14.36 -5.38
C TYR A 171 13.18 14.28 -6.90
N PRO A 172 11.99 14.32 -7.51
CA PRO A 172 11.92 13.94 -8.94
C PRO A 172 12.74 14.81 -9.85
N GLU A 173 12.76 16.12 -9.60
CA GLU A 173 13.46 17.04 -10.49
C GLU A 173 14.96 16.82 -10.44
N ARG A 174 15.47 16.12 -9.45
CA ARG A 174 16.86 15.75 -9.44
C ARG A 174 17.12 14.28 -9.64
N ASN A 175 16.07 13.48 -9.78
CA ASN A 175 16.17 12.03 -9.90
C ASN A 175 17.15 11.49 -8.86
N GLU A 176 16.90 11.85 -7.60
N GLU A 176 16.87 11.82 -7.61
CA GLU A 176 17.83 11.60 -6.51
CA GLU A 176 17.81 11.61 -6.52
C GLU A 176 17.08 11.23 -5.25
C GLU A 176 17.06 11.22 -5.25
N TRP A 177 17.63 10.27 -4.52
CA TRP A 177 17.14 9.88 -3.22
C TRP A 177 18.07 10.42 -2.15
N ARG A 178 17.49 10.82 -1.01
CA ARG A 178 18.25 11.23 0.16
C ARG A 178 17.61 10.62 1.39
N MET A 179 18.43 10.20 2.34
CA MET A 179 17.88 9.69 3.59
C MET A 179 17.17 10.83 4.32
N ILE A 180 16.10 10.46 5.03
CA ILE A 180 15.47 11.37 5.99
C ILE A 180 15.71 10.84 7.39
N THR A 181 15.28 11.58 8.39
CA THR A 181 15.36 11.10 9.76
C THR A 181 14.76 9.70 9.85
N PRO A 182 15.41 8.77 10.53
CA PRO A 182 14.83 7.44 10.73
C PRO A 182 13.66 7.46 11.69
N MET A 183 12.74 6.54 11.50
CA MET A 183 11.65 6.39 12.46
C MET A 183 12.19 5.98 13.83
N ASN A 184 11.34 6.12 14.83
CA ASN A 184 11.69 5.66 16.17
C ASN A 184 11.61 4.15 16.30
N THR A 185 10.88 3.49 15.41
CA THR A 185 10.64 2.06 15.48
C THR A 185 11.01 1.40 14.17
N ILE A 186 11.59 0.20 14.26
CA ILE A 186 11.80 -0.64 13.10
C ILE A 186 10.45 -1.13 12.63
N ARG A 187 10.15 -0.97 11.34
CA ARG A 187 8.87 -1.43 10.80
C ARG A 187 9.04 -2.00 9.41
N SER A 188 8.72 -3.27 9.27
CA SER A 188 8.58 -3.93 7.99
C SER A 188 7.11 -4.25 7.79
N GLY A 189 6.56 -3.90 6.65
CA GLY A 189 5.15 -4.13 6.42
C GLY A 189 4.23 -3.23 7.21
N ALA A 190 4.64 -1.99 7.43
CA ALA A 190 3.76 -0.98 7.98
C ALA A 190 2.82 -0.48 6.90
N GLY A 191 1.70 0.10 7.34
CA GLY A 191 0.89 0.93 6.45
C GLY A 191 1.45 2.35 6.46
N VAL A 192 1.73 2.88 5.28
CA VAL A 192 2.31 4.21 5.14
C VAL A 192 1.41 5.04 4.24
N CYS A 193 1.10 6.23 4.69
CA CYS A 193 0.18 7.15 4.02
C CYS A 193 0.53 8.57 4.36
N VAL A 194 -0.15 9.48 3.70
CA VAL A 194 -0.01 10.90 3.95
C VAL A 194 -1.31 11.48 4.47
N LEU A 195 -1.19 12.33 5.49
CA LEU A 195 -2.35 13.04 6.01
C LEU A 195 -1.86 14.39 6.47
N HIS A 196 -2.46 15.45 5.92
CA HIS A 196 -2.05 16.81 6.21
C HIS A 196 -0.58 16.96 5.84
N ASN A 197 0.30 17.39 6.76
CA ASN A 197 1.66 17.65 6.35
C ASN A 197 2.60 16.55 6.84
N CYS A 198 2.07 15.38 7.15
CA CYS A 198 2.88 14.28 7.68
C CYS A 198 2.74 12.98 6.93
N ILE A 199 3.82 12.21 7.00
CA ILE A 199 3.85 10.83 6.50
C ILE A 199 3.64 9.92 7.71
N TYR A 200 2.58 9.12 7.69
CA TYR A 200 2.25 8.24 8.80
C TYR A 200 2.78 6.85 8.50
N ALA A 201 3.30 6.18 9.54
CA ALA A 201 3.68 4.77 9.49
C ALA A 201 2.94 4.07 10.63
N ALA A 202 2.02 3.19 10.27
CA ALA A 202 1.16 2.50 11.21
C ALA A 202 1.50 1.02 11.24
N GLY A 203 1.74 0.49 12.44
CA GLY A 203 1.92 -0.95 12.58
C GLY A 203 3.22 -1.42 11.94
N GLY A 204 3.19 -2.67 11.50
CA GLY A 204 4.35 -3.34 10.94
C GLY A 204 4.89 -4.40 11.88
N TYR A 205 6.05 -4.93 11.48
CA TYR A 205 6.75 -6.00 12.16
C TYR A 205 8.16 -5.52 12.42
N ASP A 206 8.58 -5.56 13.68
CA ASP A 206 9.89 -5.01 14.07
C ASP A 206 10.98 -6.06 14.10
N GLY A 207 10.69 -7.27 13.60
CA GLY A 207 11.55 -8.42 13.75
C GLY A 207 11.13 -9.35 14.88
N GLN A 208 10.41 -8.84 15.86
CA GLN A 208 9.98 -9.61 17.03
C GLN A 208 8.47 -9.70 17.13
N ASP A 209 7.77 -8.57 17.04
CA ASP A 209 6.33 -8.54 17.23
C ASP A 209 5.68 -7.67 16.17
N GLN A 210 4.40 -7.94 15.93
CA GLN A 210 3.56 -7.05 15.18
C GLN A 210 3.23 -5.87 16.08
N LEU A 211 3.13 -4.70 15.49
CA LEU A 211 3.06 -3.44 16.21
C LEU A 211 1.67 -2.83 16.10
N ASN A 212 1.23 -2.17 17.18
CA ASN A 212 0.09 -1.26 17.10
C ASN A 212 0.49 0.20 17.13
N SER A 213 1.76 0.50 17.34
CA SER A 213 2.15 1.90 17.42
C SER A 213 2.08 2.54 16.03
N VAL A 214 1.93 3.86 16.05
CA VAL A 214 1.81 4.68 14.85
C VAL A 214 2.63 5.94 15.05
N GLU A 215 3.45 6.31 14.08
CA GLU A 215 4.25 7.53 14.17
C GLU A 215 4.12 8.28 12.86
N ARG A 216 4.37 9.58 12.94
CA ARG A 216 4.24 10.46 11.77
C ARG A 216 5.43 11.38 11.64
N TYR A 217 5.86 11.55 10.39
CA TYR A 217 7.01 12.37 10.02
C TYR A 217 6.48 13.68 9.50
N ASP A 218 6.81 14.77 10.18
CA ASP A 218 6.47 16.11 9.72
C ASP A 218 7.55 16.54 8.74
N VAL A 219 7.15 16.75 7.47
CA VAL A 219 8.13 16.98 6.42
C VAL A 219 8.82 18.33 6.55
N GLU A 220 8.29 19.25 7.34
CA GLU A 220 8.96 20.52 7.60
C GLU A 220 9.97 20.42 8.74
N THR A 221 9.54 19.83 9.87
CA THR A 221 10.40 19.78 11.04
C THR A 221 11.33 18.58 11.07
N GLU A 222 11.09 17.59 10.22
CA GLU A 222 11.92 16.40 10.05
C GLU A 222 11.94 15.52 11.29
N THR A 223 10.88 15.57 12.09
CA THR A 223 10.78 14.74 13.29
C THR A 223 9.73 13.66 13.07
N TRP A 224 9.92 12.53 13.76
CA TRP A 224 8.89 11.50 13.88
C TRP A 224 8.28 11.56 15.28
N THR A 225 6.95 11.59 15.33
CA THR A 225 6.23 11.67 16.59
C THR A 225 5.18 10.55 16.64
N PHE A 226 5.08 9.88 17.78
CA PHE A 226 4.03 8.87 17.93
C PHE A 226 2.68 9.55 18.13
N VAL A 227 1.64 8.94 17.55
CA VAL A 227 0.26 9.35 17.77
C VAL A 227 -0.43 8.19 18.50
N ALA A 228 -1.74 8.28 18.72
CA ALA A 228 -2.43 7.20 19.39
C ALA A 228 -2.18 5.88 18.67
N PRO A 229 -1.97 4.80 19.41
CA PRO A 229 -1.83 3.48 18.78
C PRO A 229 -3.16 2.93 18.30
N MET A 230 -3.08 2.07 17.29
CA MET A 230 -4.28 1.36 16.83
C MET A 230 -4.76 0.43 17.93
N ARG A 231 -6.03 0.04 17.85
CA ARG A 231 -6.55 -0.96 18.77
C ARG A 231 -5.87 -2.30 18.57
N HIS A 232 -5.59 -2.66 17.32
CA HIS A 232 -4.98 -3.95 17.01
C HIS A 232 -3.56 -3.81 16.52
N HIS A 233 -2.69 -4.67 17.01
CA HIS A 233 -1.40 -4.87 16.36
C HIS A 233 -1.66 -5.43 14.97
N ARG A 234 -0.91 -4.93 13.99
CA ARG A 234 -1.09 -5.41 12.62
C ARG A 234 0.17 -5.17 11.82
N SER A 235 0.50 -6.14 10.96
CA SER A 235 1.51 -6.01 9.93
C SER A 235 0.91 -6.44 8.60
N ALA A 236 1.53 -6.02 7.51
CA ALA A 236 1.01 -6.32 6.17
C ALA A 236 -0.45 -5.88 6.06
N LEU A 237 -0.71 -4.66 6.55
CA LEU A 237 -2.02 -4.05 6.51
C LEU A 237 -2.20 -3.19 5.28
N GLY A 238 -3.45 -3.05 4.85
CA GLY A 238 -3.82 -2.06 3.87
C GLY A 238 -4.06 -0.72 4.55
N ILE A 239 -3.87 0.37 3.81
CA ILE A 239 -4.03 1.70 4.38
C ILE A 239 -4.44 2.65 3.27
N THR A 240 -5.29 3.62 3.61
CA THR A 240 -5.55 4.73 2.72
C THR A 240 -6.05 5.89 3.56
N VAL A 241 -6.20 7.02 2.91
CA VAL A 241 -6.75 8.21 3.54
C VAL A 241 -7.99 8.59 2.78
N HIS A 242 -9.03 8.99 3.52
CA HIS A 242 -10.27 9.39 2.90
C HIS A 242 -10.94 10.39 3.82
N GLN A 243 -11.26 11.55 3.25
CA GLN A 243 -11.94 12.62 3.96
C GLN A 243 -11.26 12.95 5.28
N GLY A 244 -9.93 13.06 5.21
CA GLY A 244 -9.17 13.56 6.32
C GLY A 244 -8.94 12.57 7.44
N LYS A 245 -9.19 11.30 7.19
CA LYS A 245 -9.00 10.24 8.18
C LYS A 245 -8.23 9.10 7.55
N ILE A 246 -7.44 8.42 8.35
CA ILE A 246 -6.70 7.24 7.90
C ILE A 246 -7.55 6.00 8.15
N TYR A 247 -7.62 5.12 7.16
CA TYR A 247 -8.25 3.82 7.34
C TYR A 247 -7.18 2.74 7.21
N VAL A 248 -7.14 1.82 8.16
CA VAL A 248 -6.30 0.65 8.09
C VAL A 248 -7.19 -0.56 7.95
N LEU A 249 -6.79 -1.49 7.08
CA LEU A 249 -7.62 -2.66 6.72
C LEU A 249 -6.83 -3.93 6.91
N GLY A 250 -7.35 -4.84 7.73
CA GLY A 250 -6.78 -6.16 7.80
C GLY A 250 -5.36 -6.16 8.34
N GLY A 251 -4.62 -7.17 7.90
CA GLY A 251 -3.27 -7.40 8.37
C GLY A 251 -3.21 -8.63 9.26
N TYR A 252 -2.01 -8.87 9.76
CA TYR A 252 -1.72 -10.03 10.59
C TYR A 252 -1.27 -9.55 11.95
N ASP A 253 -1.87 -10.09 13.02
CA ASP A 253 -1.58 -9.64 14.38
C ASP A 253 -0.72 -10.62 15.16
N GLY A 254 -0.19 -11.65 14.51
CA GLY A 254 0.53 -12.70 15.18
C GLY A 254 -0.30 -13.92 15.51
N HIS A 255 -1.61 -13.86 15.32
CA HIS A 255 -2.51 -14.94 15.69
C HIS A 255 -3.63 -15.10 14.67
N THR A 256 -4.11 -13.98 14.16
CA THR A 256 -5.29 -13.95 13.30
C THR A 256 -4.98 -13.06 12.11
N PHE A 257 -5.54 -13.42 10.96
CA PHE A 257 -5.63 -12.51 9.84
C PHE A 257 -6.87 -11.66 10.04
N LEU A 258 -6.66 -10.37 10.26
CA LEU A 258 -7.70 -9.51 10.80
C LEU A 258 -8.71 -9.16 9.73
N ASP A 259 -9.98 -9.08 10.14
CA ASP A 259 -11.00 -8.48 9.29
C ASP A 259 -11.29 -7.03 9.68
N SER A 260 -10.70 -6.55 10.78
CA SER A 260 -11.09 -5.23 11.26
C SER A 260 -10.53 -4.09 10.42
N VAL A 261 -11.34 -3.04 10.32
CA VAL A 261 -10.96 -1.78 9.71
C VAL A 261 -11.06 -0.72 10.80
N GLU A 262 -9.96 -0.03 11.05
CA GLU A 262 -9.93 1.07 12.02
C GLU A 262 -9.71 2.39 11.29
N CYS A 263 -10.20 3.47 11.90
CA CYS A 263 -10.18 4.80 11.30
C CYS A 263 -9.56 5.76 12.31
N TYR A 264 -8.56 6.50 11.88
CA TYR A 264 -7.86 7.48 12.70
C TYR A 264 -8.37 8.88 12.40
N ASP A 265 -8.79 9.57 13.45
CA ASP A 265 -9.23 10.96 13.39
C ASP A 265 -8.09 11.83 13.92
N PRO A 266 -7.43 12.63 13.10
CA PRO A 266 -6.31 13.44 13.61
C PRO A 266 -6.73 14.56 14.52
N ASP A 267 -7.99 15.01 14.49
CA ASP A 267 -8.40 16.12 15.34
C ASP A 267 -8.50 15.68 16.79
N SER A 268 -9.02 14.49 17.04
CA SER A 268 -9.10 13.94 18.38
C SER A 268 -7.93 13.04 18.73
N ASP A 269 -7.11 12.65 17.74
CA ASP A 269 -6.02 11.71 17.99
C ASP A 269 -6.56 10.40 18.57
N THR A 270 -7.55 9.83 17.89
CA THR A 270 -8.17 8.60 18.32
C THR A 270 -8.44 7.70 17.13
N TRP A 271 -8.41 6.41 17.40
CA TRP A 271 -8.80 5.38 16.44
C TRP A 271 -10.14 4.81 16.87
N SER A 272 -10.97 4.49 15.89
N SER A 272 -10.97 4.48 15.88
CA SER A 272 -12.20 3.75 16.15
CA SER A 272 -12.21 3.78 16.12
C SER A 272 -12.35 2.64 15.14
C SER A 272 -12.37 2.64 15.13
N GLU A 273 -13.04 1.57 15.55
CA GLU A 273 -13.33 0.46 14.65
C GLU A 273 -14.58 0.82 13.86
N VAL A 274 -14.51 0.81 12.53
CA VAL A 274 -15.61 1.35 11.74
C VAL A 274 -16.37 0.27 10.98
N THR A 275 -15.74 -0.83 10.63
CA THR A 275 -16.38 -1.90 9.86
C THR A 275 -15.46 -3.11 9.94
N ARG A 276 -15.92 -4.20 9.35
CA ARG A 276 -15.12 -5.40 9.19
C ARG A 276 -15.18 -5.79 7.74
N MET A 277 -14.04 -6.19 7.20
N MET A 277 -14.04 -6.23 7.22
CA MET A 277 -14.05 -6.79 5.88
CA MET A 277 -13.99 -6.83 5.91
C MET A 277 -14.85 -8.09 5.91
C MET A 277 -14.83 -8.12 5.91
N THR A 278 -15.18 -8.57 4.71
CA THR A 278 -16.00 -9.78 4.60
C THR A 278 -15.25 -11.02 5.07
N SER A 279 -13.92 -10.98 5.11
CA SER A 279 -13.11 -12.05 5.69
C SER A 279 -11.77 -11.46 6.06
N GLY A 280 -11.08 -12.09 7.00
CA GLY A 280 -9.77 -11.61 7.39
C GLY A 280 -8.73 -11.92 6.34
N ARG A 281 -7.80 -11.00 6.16
CA ARG A 281 -6.77 -11.12 5.15
C ARG A 281 -5.66 -10.11 5.43
N SER A 282 -4.47 -10.41 4.94
CA SER A 282 -3.35 -9.49 4.96
C SER A 282 -2.84 -9.24 3.55
N GLY A 283 -1.91 -8.31 3.42
CA GLY A 283 -1.23 -8.12 2.14
C GLY A 283 -2.07 -7.60 1.00
N VAL A 284 -3.06 -6.76 1.31
CA VAL A 284 -3.96 -6.20 0.31
C VAL A 284 -3.38 -4.91 -0.26
N GLY A 285 -3.90 -4.53 -1.43
CA GLY A 285 -3.71 -3.20 -1.99
C GLY A 285 -4.99 -2.40 -1.80
N VAL A 286 -4.86 -1.12 -1.52
CA VAL A 286 -6.01 -0.30 -1.17
C VAL A 286 -5.89 1.05 -1.86
N ALA A 287 -7.01 1.57 -2.36
CA ALA A 287 -7.04 2.93 -2.88
C ALA A 287 -8.49 3.40 -2.96
N VAL A 288 -8.65 4.68 -3.27
CA VAL A 288 -9.96 5.32 -3.22
C VAL A 288 -10.30 5.86 -4.60
N THR A 289 -11.48 5.51 -5.10
CA THR A 289 -12.00 6.14 -6.31
C THR A 289 -13.52 6.07 -6.31
N MET A 290 -14.11 6.53 -7.41
CA MET A 290 -15.55 6.61 -7.49
C MET A 290 -16.19 5.23 -7.43
N GLU A 291 -17.45 5.19 -7.01
CA GLU A 291 -18.19 3.95 -6.96
C GLU A 291 -18.47 3.46 -8.37
N PRO A 292 -18.69 2.15 -8.52
CA PRO A 292 -18.83 1.57 -9.86
C PRO A 292 -20.26 1.64 -10.35
N CYS A 293 -20.44 1.23 -11.60
CA CYS A 293 -21.76 1.02 -12.17
C CYS A 293 -22.33 -0.33 -11.74
N1 A1IXY B . 1.75 -12.59 3.87
C3 A1IXY B . 7.26 -8.79 6.27
C4 A1IXY B . 6.60 -9.61 7.41
C5 A1IXY B . 7.00 -10.94 7.71
C6 A1IXY B . 6.32 -11.58 8.76
C7 A1IXY B . 5.98 -12.65 10.58
C10 A1IXY B . 5.55 -9.03 8.15
C11 A1IXY B . 6.19 -8.36 5.24
C12 A1IXY B . 6.10 -7.01 4.94
C13 A1IXY B . 5.14 -6.55 4.08
C14 A1IXY B . 4.28 -7.43 3.46
C15 A1IXY B . 4.34 -8.83 3.73
C16 A1IXY B . 3.43 -9.70 3.10
C17 A1IXY B . 2.49 -9.18 2.22
C18 A1IXY B . 1.60 -11.39 1.76
C19 A1IXY B . 1.11 -11.66 3.18
C20 A1IXY B . 1.43 -12.98 5.23
C21 A1IXY B . 2.06 -14.33 5.49
C23 A1IXY B . 2.22 -13.64 7.98
C27 A1IXY B . 3.29 -6.94 2.55
C28 A1IXY B . 5.34 -9.29 4.64
C1 A1IXY B . 9.67 -9.47 6.70
C2 A1IXY B . 8.53 -9.33 5.69
C22 A1IXY B . 1.74 -14.68 6.96
C24 A1IXY B . 1.83 -12.18 7.67
C25 A1IXY B . 1.99 -11.89 6.17
C26 A1IXY B . 2.43 -7.83 1.99
C8 A1IXY B . 5.33 -10.97 9.46
C9 A1IXY B . 4.89 -9.70 9.19
O1 A1IXY B . 10.34 -10.48 6.75
O2 A1IXY B . 9.88 -8.40 7.51
O3 A1IXY B . 6.49 -12.83 9.28
O4 A1IXY B . 4.86 -11.83 10.41
O5 A1IXY B . 1.58 -9.99 1.55
O6 A1IXY B . 0.16 -11.03 3.58
HN1 A1IXY B . 2.53 -13.09 3.45
HC3 A1IXY B . 7.65 -7.88 6.73
HC5 A1IXY B . 7.79 -11.42 7.15
H72 A1IXY B . 6.71 -12.13 11.19
H71 A1IXY B . 5.66 -13.61 10.97
HC10 A1IXY B . 5.24 -8.02 7.92
HC12 A1IXY B . 6.80 -6.30 5.38
HC13 A1IXY B . 5.06 -5.49 3.88
HC16 A1IXY B . 3.47 -10.77 3.30
H182 A1IXY B . 0.94 -11.88 1.05
H181 A1IXY B . 2.62 -11.76 1.67
HC20 A1IXY B . 0.35 -13.04 5.36
H211 A1IXY B . 3.14 -14.28 5.34
H212 A1IXY B . 1.65 -15.09 4.83
H231 A1IXY B . 3.31 -13.69 8.05
H232 A1IXY B . 1.83 -13.90 8.96
HC27 A1IXY B . 3.24 -5.88 2.32
HC28 A1IXY B . 5.41 -10.35 4.88
H22 A1IXY B . 8.34 -10.29 5.22
H21 A1IXY B . 8.85 -8.69 4.87
H221 A1IXY B . 2.19 -15.65 7.19
H222 A1IXY B . 0.67 -14.82 7.06
H242 A1IXY B . 2.49 -11.51 8.23
H241 A1IXY B . 0.79 -12.03 7.95
H252 A1IXY B . 1.52 -10.94 5.93
H251 A1IXY B . 3.05 -11.74 5.94
HC26 A1IXY B . 1.68 -7.43 1.32
HC9 A1IXY B . 4.10 -9.21 9.74
S SO4 C . 17.62 -4.67 -7.95
O1 SO4 C . 17.10 -5.87 -7.33
O2 SO4 C . 19.09 -4.69 -7.80
O3 SO4 C . 17.39 -4.68 -9.38
O4 SO4 C . 17.10 -3.49 -7.33
S SO4 D . 20.05 22.14 -2.48
O1 SO4 D . 19.66 22.53 -1.15
O2 SO4 D . 21.23 22.92 -2.83
O3 SO4 D . 20.30 20.69 -2.46
O4 SO4 D . 18.97 22.25 -3.47
S SO4 E . 6.80 13.33 -12.09
O1 SO4 E . 7.50 13.96 -10.97
O2 SO4 E . 7.46 13.69 -13.37
O3 SO4 E . 6.79 11.89 -11.93
O4 SO4 E . 5.42 13.82 -12.12
S SO4 F . -12.21 -6.67 17.79
O1 SO4 F . -11.31 -7.22 18.79
O2 SO4 F . -11.83 -7.18 16.47
O3 SO4 F . -13.61 -6.99 18.06
O4 SO4 F . -12.04 -5.21 17.78
CL CL G . -3.55 6.67 -5.07
CL CL H . 4.69 -13.43 0.46
S DMS I . -5.07 -19.70 -8.52
O DMS I . -6.16 -19.42 -9.50
C1 DMS I . -4.70 -21.46 -8.44
C2 DMS I . -5.78 -19.52 -6.86
H11 DMS I . -5.55 -21.97 -8.07
H12 DMS I . -3.88 -21.62 -7.80
H13 DMS I . -4.48 -21.82 -9.41
H21 DMS I . -5.04 -19.77 -6.13
H22 DMS I . -6.60 -20.18 -6.75
H23 DMS I . -6.10 -18.53 -6.71
S DMS J . 7.33 12.92 -18.59
O DMS J . 7.87 12.62 -19.95
C1 DMS J . 5.87 13.97 -18.73
C2 DMS J . 8.44 14.07 -17.74
H11 DMS J . 5.40 14.05 -17.78
H12 DMS J . 5.18 13.54 -19.42
H13 DMS J . 6.14 14.93 -19.07
H21 DMS J . 9.42 13.67 -17.71
H22 DMS J . 8.10 14.21 -16.74
H23 DMS J . 8.44 15.00 -18.24
S DMS K . 14.19 2.26 -19.45
O DMS K . 13.93 1.71 -18.08
C1 DMS K . 15.77 1.63 -20.06
C2 DMS K . 14.64 4.01 -19.31
H11 DMS K . 15.78 0.58 -20.00
H12 DMS K . 16.56 2.02 -19.47
H13 DMS K . 15.91 1.93 -21.07
H21 DMS K . 13.78 4.61 -19.44
H22 DMS K . 15.35 4.25 -20.06
H23 DMS K . 15.07 4.19 -18.36
S DMS L . 4.50 -12.04 -14.37
O DMS L . 3.75 -11.02 -13.57
C1 DMS L . 4.03 -13.74 -13.88
C2 DMS L . 6.26 -12.06 -13.90
H11 DMS L . 2.98 -13.83 -13.89
H12 DMS L . 4.39 -13.95 -12.91
H13 DMS L . 4.46 -14.43 -14.56
H21 DMS L . 6.76 -12.83 -14.42
H22 DMS L . 6.34 -12.22 -12.85
H23 DMS L . 6.69 -11.12 -14.14
S DMS M . 4.15 -5.82 -21.06
O DMS M . 4.36 -7.29 -21.01
C1 DMS M . 3.83 -5.22 -22.74
C2 DMS M . 5.71 -4.95 -20.75
H11 DMS M . 4.68 -5.43 -23.35
H12 DMS M . 3.65 -4.18 -22.72
H13 DMS M . 2.98 -5.72 -23.14
H21 DMS M . 5.51 -3.93 -20.52
H22 DMS M . 6.31 -4.99 -21.62
H23 DMS M . 6.22 -5.41 -19.94
S DMS N . -10.96 11.68 -1.00
O DMS N . -10.98 10.23 -0.65
C1 DMS N . -9.30 12.14 -1.55
C2 DMS N . -10.83 12.65 0.52
H11 DMS N . -9.25 13.19 -1.68
H12 DMS N . -9.08 11.67 -2.46
H13 DMS N . -8.59 11.85 -0.83
H21 DMS N . -11.76 12.64 1.02
H22 DMS N . -10.57 13.64 0.27
H23 DMS N . -10.09 12.24 1.14
#